data_7D89
#
_entry.id   7D89
#
_cell.length_a   110.193
_cell.length_b   110.193
_cell.length_c   84.983
_cell.angle_alpha   90.000
_cell.angle_beta   90.000
_cell.angle_gamma   90.000
#
_symmetry.space_group_name_H-M   'P 41 2 2'
#
loop_
_entity.id
_entity.type
_entity.pdbx_description
1 polymer Beta-xylanase
2 non-polymer 'CALCIUM ION'
3 water water
#
_entity_poly.entity_id   1
_entity_poly.type   'polypeptide(L)'
_entity_poly.pdbx_seq_one_letter_code
;MGSSHHHHHHSSGLVPRGSHMVKKKEFMNHSSNGGSQEQEDQSWRKEANDRILQHRQRELVINVIDKEKKPLAGIEVEIK
QIRHEFAFGSAMNDQVLFNQTYADFFVQHFNWAVFENEAKWYANEPERGKITYEKADAMLNFANRHQIPVRGHALFWEVE
DANPNWLKSLPNHEVYEAMKRRLEHAGNHFKGKFRHWDVNNAMMHGSFFKDRFGKQIWKWMYEETKKIDPQALLFVNDYN
VISYGEHHAYKAHINELRQLGAPVEAIGVQGHFADRVDPVVVKERLDVLAELGLPIWVTAYDSVHPDANRRADNLEALYR
VAFSHPAVKGVLMWGFWAGAHWRGEHAAIVNHDWSLNEAGRRYEKLLQEWTTQRVEKTDANGQVTCPAFHGTYEVRIGEE
SKMLQQQTIELDSAKQTPLQLDIIVPVE
;
_entity_poly.pdbx_strand_id   A
#
# COMPACT_ATOMS: atom_id res chain seq x y z
N GLN A 42 -22.75 3.54 -13.47
CA GLN A 42 -23.66 4.66 -13.68
C GLN A 42 -22.89 5.98 -13.80
N SER A 43 -23.29 6.98 -13.00
CA SER A 43 -22.71 8.31 -13.12
C SER A 43 -21.43 8.50 -12.31
N TRP A 44 -21.18 7.63 -11.31
CA TRP A 44 -19.94 7.71 -10.55
C TRP A 44 -18.73 7.33 -11.40
N ARG A 45 -18.91 6.36 -12.31
CA ARG A 45 -17.83 5.98 -13.20
C ARG A 45 -17.49 7.12 -14.16
N LYS A 46 -18.52 7.81 -14.66
CA LYS A 46 -18.30 8.99 -15.49
C LYS A 46 -17.47 10.04 -14.76
N GLU A 47 -17.88 10.37 -13.53
CA GLU A 47 -17.13 11.33 -12.73
C GLU A 47 -15.71 10.83 -12.44
N ALA A 48 -15.61 9.56 -12.04
CA ALA A 48 -14.30 9.00 -11.71
C ALA A 48 -13.33 9.11 -12.87
N ASN A 49 -13.82 8.99 -14.12
CA ASN A 49 -12.93 8.99 -15.27
C ASN A 49 -12.42 10.39 -15.59
N ASP A 50 -13.27 11.40 -15.47
CA ASP A 50 -12.82 12.79 -15.61
C ASP A 50 -11.70 13.06 -14.61
N ARG A 51 -11.96 12.74 -13.33
CA ARG A 51 -10.96 12.82 -12.28
C ARG A 51 -9.67 12.07 -12.66
N ILE A 52 -9.81 10.89 -13.26
CA ILE A 52 -8.62 10.11 -13.62
C ILE A 52 -7.78 10.85 -14.65
N LEU A 53 -8.41 11.36 -15.70
CA LEU A 53 -7.65 12.02 -16.77
C LEU A 53 -7.17 13.41 -16.36
N GLN A 54 -7.85 14.05 -15.41
CA GLN A 54 -7.38 15.33 -14.88
C GLN A 54 -6.11 15.15 -14.05
N HIS A 55 -6.17 14.30 -13.01
CA HIS A 55 -5.13 14.20 -11.99
C HIS A 55 -4.08 13.13 -12.28
N ARG A 56 -4.37 12.13 -13.10
CA ARG A 56 -3.37 11.09 -13.36
C ARG A 56 -2.59 11.31 -14.65
N GLN A 57 -2.88 12.37 -15.39
CA GLN A 57 -2.21 12.60 -16.65
C GLN A 57 -1.63 14.01 -16.74
N ARG A 58 -0.56 14.11 -17.53
CA ARG A 58 0.17 15.32 -17.82
C ARG A 58 0.49 15.31 -19.32
N GLU A 59 0.34 16.48 -19.98
CA GLU A 59 0.55 16.59 -21.42
C GLU A 59 2.04 16.50 -21.78
N LEU A 60 2.32 16.01 -23.01
CA LEU A 60 3.69 15.67 -23.36
C LEU A 60 4.14 16.25 -24.72
N VAL A 61 5.42 15.97 -25.00
CA VAL A 61 6.39 16.48 -25.97
C VAL A 61 6.88 17.85 -25.52
N ILE A 62 8.04 17.84 -24.87
CA ILE A 62 8.79 18.98 -24.36
C ILE A 62 10.24 18.70 -24.73
N ASN A 63 11.19 19.47 -24.19
CA ASN A 63 12.59 19.32 -24.56
C ASN A 63 13.47 19.48 -23.33
N VAL A 64 14.66 18.86 -23.39
CA VAL A 64 15.63 18.93 -22.29
C VAL A 64 17.05 18.63 -22.78
N ALA A 73 9.76 17.87 -34.81
CA ALA A 73 8.63 17.33 -34.08
C ALA A 73 7.31 17.56 -34.82
N GLY A 74 6.20 17.19 -34.19
CA GLY A 74 4.80 17.32 -34.63
C GLY A 74 4.29 16.23 -35.62
N ILE A 75 5.07 15.19 -35.98
CA ILE A 75 4.59 14.27 -37.00
C ILE A 75 4.50 12.80 -36.52
N GLU A 76 5.62 12.04 -36.48
CA GLU A 76 5.59 10.54 -36.42
C GLU A 76 6.35 9.83 -35.25
N VAL A 77 5.72 9.69 -34.06
CA VAL A 77 6.43 9.16 -32.89
C VAL A 77 5.64 8.09 -32.14
N GLU A 78 6.36 7.30 -31.32
CA GLU A 78 5.79 6.21 -30.51
C GLU A 78 5.91 6.52 -29.03
N ILE A 79 4.79 6.42 -28.30
CA ILE A 79 4.70 6.87 -26.89
C ILE A 79 4.27 5.67 -26.05
N LYS A 80 5.24 4.90 -25.57
CA LYS A 80 4.97 3.71 -24.77
C LYS A 80 5.33 3.97 -23.29
N GLN A 81 4.48 3.50 -22.39
CA GLN A 81 4.72 3.63 -20.95
C GLN A 81 5.36 2.35 -20.40
N ILE A 82 6.48 2.50 -19.72
CA ILE A 82 7.21 1.36 -19.14
C ILE A 82 6.99 1.24 -17.63
N ARG A 83 7.03 2.34 -16.89
CA ARG A 83 6.78 2.34 -15.46
C ARG A 83 5.61 3.27 -15.13
N HIS A 84 4.94 2.97 -14.03
CA HIS A 84 3.74 3.67 -13.62
C HIS A 84 4.02 4.34 -12.30
N GLU A 85 3.80 5.65 -12.25
CA GLU A 85 4.01 6.39 -11.01
C GLU A 85 3.01 6.00 -9.94
N PHE A 86 1.74 5.77 -10.31
CA PHE A 86 0.76 5.30 -9.34
C PHE A 86 1.08 3.87 -8.91
N ALA A 87 0.80 3.56 -7.65
CA ALA A 87 1.14 2.23 -7.14
C ALA A 87 -0.03 1.28 -7.38
N PHE A 88 0.24 0.23 -8.14
CA PHE A 88 -0.65 -0.93 -8.28
C PHE A 88 0.15 -2.07 -7.69
N GLY A 89 0.04 -2.20 -6.38
CA GLY A 89 0.89 -3.10 -5.64
C GLY A 89 0.13 -4.28 -5.10
N SER A 90 0.90 -5.19 -4.54
CA SER A 90 0.29 -6.27 -3.82
C SER A 90 1.20 -6.71 -2.68
N ALA A 91 0.60 -7.38 -1.71
CA ALA A 91 1.38 -8.01 -0.66
C ALA A 91 2.04 -9.28 -1.16
N MET A 92 3.29 -9.45 -0.77
CA MET A 92 4.08 -10.62 -1.09
C MET A 92 4.15 -11.50 0.13
N ASN A 93 4.16 -12.83 -0.09
CA ASN A 93 4.47 -13.74 1.01
C ASN A 93 5.54 -14.78 0.64
N ASP A 94 5.70 -15.77 1.53
CA ASP A 94 6.77 -16.77 1.43
C ASP A 94 6.81 -17.48 0.08
N GLN A 95 5.67 -17.62 -0.59
CA GLN A 95 5.65 -18.25 -1.89
C GLN A 95 6.69 -17.67 -2.85
N VAL A 96 6.94 -16.35 -2.80
CA VAL A 96 7.98 -15.75 -3.65
C VAL A 96 9.35 -16.39 -3.46
N LEU A 97 9.55 -17.19 -2.41
CA LEU A 97 10.84 -17.79 -2.18
C LEU A 97 11.01 -19.18 -2.78
N PHE A 98 9.92 -19.90 -3.03
CA PHE A 98 10.01 -21.28 -3.50
C PHE A 98 9.15 -21.57 -4.72
N ASN A 99 8.39 -20.59 -5.22
CA ASN A 99 7.33 -20.77 -6.21
C ASN A 99 7.60 -19.81 -7.38
N GLN A 100 8.22 -20.31 -8.44
CA GLN A 100 8.60 -19.45 -9.57
C GLN A 100 7.38 -18.82 -10.26
N THR A 101 6.26 -19.53 -10.30
CA THR A 101 5.07 -19.01 -10.99
C THR A 101 4.48 -17.84 -10.22
N TYR A 102 4.31 -17.98 -8.90
CA TYR A 102 3.92 -16.86 -8.04
C TYR A 102 4.80 -15.64 -8.29
N ALA A 103 6.12 -15.85 -8.33
CA ALA A 103 7.06 -14.75 -8.55
C ALA A 103 6.85 -14.16 -9.93
N ASP A 104 6.88 -14.99 -10.98
CA ASP A 104 6.68 -14.48 -12.33
C ASP A 104 5.38 -13.69 -12.40
N PHE A 105 4.31 -14.19 -11.78
CA PHE A 105 3.03 -13.49 -11.80
C PHE A 105 3.14 -12.17 -11.07
N PHE A 106 3.72 -12.19 -9.87
CA PHE A 106 3.88 -10.96 -9.12
C PHE A 106 4.52 -9.89 -10.01
N VAL A 107 5.62 -10.25 -10.66
CA VAL A 107 6.42 -9.25 -11.37
C VAL A 107 5.69 -8.72 -12.58
N GLN A 108 4.78 -9.50 -13.17
CA GLN A 108 4.07 -9.01 -14.34
C GLN A 108 2.74 -8.37 -13.99
N HIS A 109 2.39 -8.23 -12.70
CA HIS A 109 1.13 -7.64 -12.28
C HIS A 109 1.24 -6.53 -11.27
N PHE A 110 2.40 -6.34 -10.63
CA PHE A 110 2.48 -5.39 -9.53
C PHE A 110 3.78 -4.62 -9.62
N ASN A 111 3.70 -3.32 -9.34
CA ASN A 111 4.89 -2.46 -9.37
C ASN A 111 5.30 -2.00 -7.96
N TRP A 112 4.50 -2.33 -6.94
CA TRP A 112 4.83 -2.10 -5.54
C TRP A 112 4.56 -3.36 -4.73
N ALA A 113 5.38 -3.59 -3.71
CA ALA A 113 5.24 -4.75 -2.86
C ALA A 113 5.14 -4.34 -1.40
N VAL A 114 4.75 -5.30 -0.59
CA VAL A 114 4.79 -5.19 0.87
C VAL A 114 4.83 -6.64 1.37
N PHE A 115 5.34 -6.85 2.58
CA PHE A 115 5.49 -8.21 3.12
C PHE A 115 4.34 -8.56 4.04
N GLU A 116 3.72 -9.73 3.79
CA GLU A 116 2.52 -10.09 4.53
C GLU A 116 2.81 -10.42 6.00
N ASN A 117 3.98 -10.98 6.29
CA ASN A 117 4.40 -11.30 7.66
C ASN A 117 5.86 -11.01 7.96
N GLU A 118 6.73 -11.03 6.95
CA GLU A 118 8.14 -11.29 7.15
C GLU A 118 8.85 -10.11 7.77
N ALA A 119 8.17 -8.97 7.96
CA ALA A 119 8.73 -7.83 8.69
C ALA A 119 7.84 -7.41 9.86
N LYS A 120 6.93 -8.28 10.27
CA LYS A 120 6.22 -8.10 11.54
C LYS A 120 7.12 -8.52 12.70
N TRP A 121 6.91 -7.89 13.86
CA TRP A 121 7.80 -8.06 15.00
C TRP A 121 7.91 -9.52 15.43
N TYR A 122 6.78 -10.23 15.53
CA TYR A 122 6.84 -11.64 15.89
C TYR A 122 7.71 -12.44 14.93
N ALA A 123 7.72 -12.08 13.66
CA ALA A 123 8.51 -12.84 12.69
C ALA A 123 9.97 -12.45 12.71
N ASN A 124 10.28 -11.23 13.17
CA ASN A 124 11.65 -10.77 13.29
C ASN A 124 12.26 -11.11 14.64
N GLU A 125 11.44 -11.27 15.67
CA GLU A 125 11.90 -11.66 17.01
C GLU A 125 10.93 -12.69 17.56
N PRO A 126 11.07 -13.96 17.17
CA PRO A 126 10.12 -14.98 17.62
C PRO A 126 10.31 -15.33 19.07
N GLU A 127 11.51 -15.11 19.59
CA GLU A 127 11.86 -15.28 20.99
C GLU A 127 12.63 -14.03 21.37
N ARG A 128 12.42 -13.52 22.59
CA ARG A 128 13.15 -12.32 23.00
C ARG A 128 14.64 -12.55 22.85
N GLY A 129 15.31 -11.64 22.14
CA GLY A 129 16.73 -11.69 21.92
C GLY A 129 17.17 -12.46 20.71
N LYS A 130 16.39 -13.43 20.26
CA LYS A 130 16.68 -14.17 19.03
C LYS A 130 16.09 -13.40 17.86
N ILE A 131 16.95 -12.76 17.06
CA ILE A 131 16.51 -11.80 16.06
C ILE A 131 16.86 -12.30 14.66
N THR A 132 15.89 -12.22 13.73
CA THR A 132 16.08 -12.68 12.37
C THR A 132 15.38 -11.79 11.35
N TYR A 133 16.08 -11.52 10.23
CA TYR A 133 15.60 -10.75 9.09
C TYR A 133 15.88 -11.42 7.74
N GLU A 134 16.25 -12.70 7.72
CA GLU A 134 16.82 -13.29 6.51
C GLU A 134 15.76 -13.45 5.42
N LYS A 135 14.53 -13.83 5.78
CA LYS A 135 13.46 -13.92 4.79
C LYS A 135 13.15 -12.55 4.23
N ALA A 136 12.94 -11.57 5.11
CA ALA A 136 12.64 -10.20 4.68
C ALA A 136 13.75 -9.63 3.80
N ASP A 137 15.01 -9.96 4.09
CA ASP A 137 16.12 -9.50 3.23
C ASP A 137 16.05 -10.17 1.87
N ALA A 138 15.76 -11.48 1.83
CA ALA A 138 15.67 -12.19 0.56
C ALA A 138 14.61 -11.57 -0.33
N MET A 139 13.49 -11.15 0.27
CA MET A 139 12.41 -10.51 -0.45
C MET A 139 12.78 -9.08 -0.87
N LEU A 140 13.49 -8.34 -0.01
CA LEU A 140 14.00 -7.03 -0.39
C LEU A 140 14.93 -7.12 -1.60
N ASN A 141 15.74 -8.18 -1.68
CA ASN A 141 16.58 -8.37 -2.85
C ASN A 141 15.75 -8.70 -4.09
N PHE A 142 14.83 -9.64 -3.99
CA PHE A 142 13.92 -9.93 -5.10
C PHE A 142 13.27 -8.66 -5.61
N ALA A 143 12.73 -7.86 -4.69
CA ALA A 143 12.08 -6.61 -5.09
C ALA A 143 13.05 -5.69 -5.83
N ASN A 144 14.25 -5.52 -5.28
CA ASN A 144 15.23 -4.60 -5.83
C ASN A 144 15.74 -5.06 -7.18
N ARG A 145 15.85 -6.38 -7.38
CA ARG A 145 16.23 -6.95 -8.67
C ARG A 145 15.27 -6.52 -9.76
N HIS A 146 13.97 -6.47 -9.44
CA HIS A 146 12.92 -6.02 -10.34
C HIS A 146 12.44 -4.60 -10.02
N GLN A 147 13.28 -3.80 -9.37
CA GLN A 147 12.99 -2.39 -9.13
C GLN A 147 11.55 -2.17 -8.66
N ILE A 148 11.10 -3.00 -7.71
CA ILE A 148 9.76 -2.84 -7.12
C ILE A 148 9.93 -2.11 -5.79
N PRO A 149 9.41 -0.89 -5.65
CA PRO A 149 9.42 -0.22 -4.34
C PRO A 149 8.59 -1.00 -3.32
N VAL A 150 9.07 -1.04 -2.08
CA VAL A 150 8.49 -1.89 -1.03
C VAL A 150 8.05 -1.04 0.15
N ARG A 151 6.77 -1.11 0.50
CA ARG A 151 6.31 -0.59 1.77
C ARG A 151 6.88 -1.41 2.93
N GLY A 152 7.31 -0.73 3.97
CA GLY A 152 7.76 -1.43 5.17
C GLY A 152 6.61 -1.65 6.12
N HIS A 153 6.37 -2.91 6.47
CA HIS A 153 5.23 -3.28 7.30
C HIS A 153 5.64 -4.44 8.18
N ALA A 154 5.66 -4.24 9.50
CA ALA A 154 5.38 -2.99 10.19
C ALA A 154 6.24 -2.96 11.46
N LEU A 155 6.47 -1.78 12.03
CA LEU A 155 7.27 -1.73 13.23
C LEU A 155 6.46 -2.21 14.41
N PHE A 156 5.28 -1.66 14.57
CA PHE A 156 4.45 -1.95 15.72
C PHE A 156 3.02 -2.17 15.27
N TRP A 157 2.28 -2.86 16.14
CA TRP A 157 0.87 -3.12 15.97
C TRP A 157 0.21 -2.94 17.32
N GLU A 158 -0.83 -2.12 17.38
CA GLU A 158 -1.40 -1.77 18.68
C GLU A 158 -2.24 -2.88 19.28
N VAL A 159 -2.80 -3.80 18.48
CA VAL A 159 -3.61 -4.83 19.11
C VAL A 159 -2.70 -5.92 19.67
N GLU A 160 -3.06 -6.38 20.85
CA GLU A 160 -2.27 -7.40 21.53
C GLU A 160 -2.18 -8.66 20.68
N ASP A 161 -3.27 -9.00 20.00
CA ASP A 161 -3.34 -10.21 19.21
C ASP A 161 -2.27 -10.25 18.13
N ALA A 162 -1.68 -9.11 17.80
CA ALA A 162 -0.70 -9.01 16.73
C ALA A 162 0.76 -8.98 17.19
N ASN A 163 1.05 -9.04 18.50
CA ASN A 163 2.44 -8.94 18.97
C ASN A 163 3.00 -10.23 19.54
N PRO A 164 4.34 -10.38 19.57
CA PRO A 164 4.94 -11.63 20.08
C PRO A 164 4.40 -12.01 21.45
N ASN A 165 4.15 -13.31 21.63
CA ASN A 165 3.54 -13.74 22.88
C ASN A 165 4.47 -13.50 24.07
N TRP A 166 5.78 -13.56 23.86
CA TRP A 166 6.69 -13.30 24.97
C TRP A 166 6.55 -11.88 25.50
N LEU A 167 6.17 -10.94 24.64
CA LEU A 167 5.96 -9.58 25.10
C LEU A 167 4.77 -9.46 26.06
N LYS A 168 3.81 -10.38 25.98
CA LYS A 168 2.54 -10.21 26.67
C LYS A 168 2.60 -10.55 28.16
N SER A 169 3.68 -11.16 28.64
CA SER A 169 3.82 -11.47 30.07
C SER A 169 4.82 -10.57 30.79
N LEU A 170 5.51 -9.63 30.08
CA LEU A 170 6.54 -8.79 30.68
C LEU A 170 5.95 -7.55 31.38
N PRO A 171 6.64 -7.06 32.41
CA PRO A 171 6.24 -5.78 33.02
C PRO A 171 6.46 -4.63 32.05
N ASN A 172 5.88 -3.48 32.37
CA ASN A 172 5.85 -2.38 31.43
C ASN A 172 7.26 -1.93 31.02
N HIS A 173 8.12 -1.68 32.01
CA HIS A 173 9.45 -1.15 31.68
C HIS A 173 10.21 -2.11 30.78
N GLU A 174 10.01 -3.43 30.95
CA GLU A 174 10.72 -4.40 30.12
C GLU A 174 10.08 -4.54 28.76
N VAL A 175 8.77 -4.28 28.69
CA VAL A 175 8.08 -4.10 27.42
C VAL A 175 8.73 -2.97 26.63
N TYR A 176 8.84 -1.79 27.24
CA TYR A 176 9.45 -0.66 26.54
C TYR A 176 10.87 -0.97 26.12
N GLU A 177 11.65 -1.64 26.96
CA GLU A 177 12.98 -2.07 26.55
C GLU A 177 12.93 -2.92 25.26
N ALA A 178 11.92 -3.79 25.14
CA ALA A 178 11.77 -4.57 23.91
C ALA A 178 11.40 -3.67 22.75
N MET A 179 10.42 -2.78 22.98
CA MET A 179 10.05 -1.76 22.01
C MET A 179 11.25 -0.99 21.51
N LYS A 180 12.14 -0.59 22.41
CA LYS A 180 13.27 0.25 22.04
C LYS A 180 14.20 -0.47 21.09
N ARG A 181 14.55 -1.73 21.39
CA ARG A 181 15.43 -2.47 20.48
C ARG A 181 14.75 -2.75 19.15
N ARG A 182 13.47 -3.15 19.18
CA ARG A 182 12.72 -3.35 17.94
C ARG A 182 12.85 -2.13 17.05
N LEU A 183 12.34 -0.98 17.53
CA LEU A 183 12.41 0.25 16.75
C LEU A 183 13.83 0.56 16.34
N GLU A 184 14.78 0.41 17.26
CA GLU A 184 16.14 0.77 16.92
C GLU A 184 16.86 -0.32 16.14
N HIS A 185 16.60 -1.60 16.43
CA HIS A 185 17.29 -2.63 15.65
C HIS A 185 16.72 -2.76 14.23
N ALA A 186 15.37 -2.78 14.13
CA ALA A 186 14.74 -2.93 12.82
C ALA A 186 14.85 -1.66 11.99
N GLY A 187 14.63 -0.49 12.62
CA GLY A 187 14.79 0.76 11.91
C GLY A 187 16.17 0.92 11.30
N ASN A 188 17.21 0.43 11.99
CA ASN A 188 18.55 0.56 11.47
C ASN A 188 18.82 -0.49 10.40
N HIS A 189 18.33 -1.72 10.60
CA HIS A 189 18.58 -2.76 9.59
C HIS A 189 17.95 -2.42 8.25
N PHE A 190 16.72 -1.90 8.24
CA PHE A 190 16.01 -1.56 7.01
C PHE A 190 16.16 -0.10 6.62
N LYS A 191 17.11 0.63 7.22
CA LYS A 191 17.33 2.02 6.84
C LYS A 191 17.59 2.09 5.35
N GLY A 192 16.84 2.96 4.67
CA GLY A 192 16.95 3.11 3.24
C GLY A 192 16.44 1.96 2.41
N LYS A 193 15.79 0.96 2.99
CA LYS A 193 15.34 -0.15 2.18
C LYS A 193 13.85 -0.10 1.83
N PHE A 194 13.02 0.59 2.62
CA PHE A 194 11.58 0.69 2.40
C PHE A 194 11.23 2.14 2.07
N ARG A 195 10.45 2.35 1.01
CA ARG A 195 10.01 3.71 0.73
C ARG A 195 9.10 4.23 1.83
N HIS A 196 8.38 3.33 2.51
CA HIS A 196 7.41 3.71 3.53
C HIS A 196 7.62 2.85 4.77
N TRP A 197 7.06 3.31 5.89
CA TRP A 197 6.89 2.48 7.08
C TRP A 197 5.45 2.58 7.56
N ASP A 198 4.84 1.42 7.81
CA ASP A 198 3.64 1.38 8.65
C ASP A 198 4.16 1.36 10.07
N VAL A 199 4.43 2.55 10.60
CA VAL A 199 5.10 2.67 11.88
C VAL A 199 4.29 1.97 12.96
N ASN A 200 3.03 2.37 13.12
CA ASN A 200 2.12 1.66 13.99
C ASN A 200 0.80 1.43 13.26
N ASN A 201 0.24 0.24 13.43
CA ASN A 201 -1.00 -0.16 12.78
C ASN A 201 -2.13 -0.29 13.79
N ALA A 202 -3.32 0.16 13.38
CA ALA A 202 -4.56 -0.16 14.07
C ALA A 202 -4.63 0.46 15.47
N MET A 203 -4.10 1.66 15.62
CA MET A 203 -4.18 2.32 16.92
C MET A 203 -5.63 2.54 17.32
N MET A 204 -6.51 2.67 16.34
CA MET A 204 -7.92 2.89 16.58
C MET A 204 -8.65 1.64 17.06
N HIS A 205 -8.01 0.48 17.09
CA HIS A 205 -8.70 -0.76 17.43
C HIS A 205 -7.88 -1.61 18.39
N GLY A 206 -6.77 -1.10 18.92
CA GLY A 206 -5.98 -1.79 19.90
C GLY A 206 -5.65 -0.87 21.04
N SER A 207 -4.98 -1.43 22.04
CA SER A 207 -4.50 -0.59 23.14
C SER A 207 -3.32 -1.23 23.87
N PHE A 208 -2.56 -2.11 23.26
CA PHE A 208 -1.54 -2.83 24.02
C PHE A 208 -0.45 -1.89 24.49
N PHE A 209 -0.02 -0.98 23.63
CA PHE A 209 1.04 -0.03 23.97
C PHE A 209 0.48 1.21 24.64
N LYS A 210 -0.67 1.70 24.17
CA LYS A 210 -1.30 2.89 24.75
C LYS A 210 -1.68 2.65 26.22
N ASP A 211 -2.10 1.42 26.55
CA ASP A 211 -2.51 1.09 27.92
C ASP A 211 -1.33 1.08 28.89
N ARG A 212 -0.10 0.98 28.42
CA ARG A 212 1.05 0.94 29.33
C ARG A 212 1.88 2.21 29.31
N PHE A 213 1.69 3.07 28.31
CA PHE A 213 2.51 4.25 28.15
C PHE A 213 1.74 5.47 27.66
N GLY A 214 0.44 5.36 27.42
CA GLY A 214 -0.37 6.47 26.95
C GLY A 214 -0.04 6.89 25.52
N LYS A 215 -0.80 7.83 24.98
CA LYS A 215 -0.58 8.26 23.59
C LYS A 215 0.81 8.85 23.37
N GLN A 216 1.58 9.11 24.42
CA GLN A 216 2.91 9.65 24.21
C GLN A 216 3.85 8.62 23.59
N ILE A 217 3.54 7.32 23.74
CA ILE A 217 4.36 6.28 23.11
C ILE A 217 4.16 6.25 21.60
N TRP A 218 3.01 6.71 21.11
CA TRP A 218 2.84 6.83 19.67
C TRP A 218 3.77 7.89 19.10
N LYS A 219 3.77 9.08 19.73
CA LYS A 219 4.73 10.11 19.34
C LYS A 219 6.15 9.57 19.33
N TRP A 220 6.49 8.78 20.35
CA TRP A 220 7.82 8.18 20.40
C TRP A 220 8.12 7.39 19.12
N MET A 221 7.16 6.57 18.66
CA MET A 221 7.42 5.68 17.52
C MET A 221 7.68 6.48 16.25
N TYR A 222 6.91 7.54 16.00
CA TYR A 222 7.10 8.32 14.78
C TYR A 222 8.34 9.23 14.86
N GLU A 223 8.66 9.77 16.03
CA GLU A 223 9.85 10.60 16.17
C GLU A 223 11.12 9.80 15.99
N GLU A 224 11.20 8.66 16.68
CA GLU A 224 12.43 7.87 16.67
C GLU A 224 12.66 7.23 15.31
N THR A 225 11.58 6.84 14.64
CA THR A 225 11.70 6.31 13.28
C THR A 225 12.15 7.38 12.32
N LYS A 226 11.55 8.58 12.44
CA LYS A 226 12.02 9.74 11.67
C LYS A 226 13.51 9.98 11.88
N LYS A 227 13.99 9.89 13.13
CA LYS A 227 15.41 10.10 13.41
C LYS A 227 16.30 9.08 12.67
N ILE A 228 15.96 7.79 12.76
CA ILE A 228 16.82 6.72 12.23
C ILE A 228 16.76 6.63 10.71
N ASP A 229 15.58 6.80 10.13
CA ASP A 229 15.40 6.66 8.68
C ASP A 229 14.52 7.80 8.20
N PRO A 230 15.12 8.98 7.98
CA PRO A 230 14.32 10.16 7.66
C PRO A 230 13.76 10.16 6.26
N GLN A 231 14.29 9.36 5.33
CA GLN A 231 13.71 9.42 3.99
C GLN A 231 12.47 8.57 3.85
N ALA A 232 12.13 7.79 4.88
CA ALA A 232 10.99 6.91 4.84
C ALA A 232 9.70 7.64 5.19
N LEU A 233 8.65 7.36 4.43
CA LEU A 233 7.35 7.99 4.63
C LEU A 233 6.58 7.27 5.74
N LEU A 234 6.36 7.99 6.85
CA LEU A 234 5.78 7.39 8.04
C LEU A 234 4.27 7.35 7.92
N PHE A 235 3.71 6.14 7.95
CA PHE A 235 2.29 5.92 7.73
C PHE A 235 1.57 5.62 9.04
N VAL A 236 0.34 6.11 9.14
CA VAL A 236 -0.67 5.46 9.95
C VAL A 236 -1.39 4.47 9.04
N ASN A 237 -1.86 3.37 9.63
CA ASN A 237 -2.57 2.33 8.89
C ASN A 237 -3.64 1.75 9.79
N ASP A 238 -4.85 1.61 9.24
CA ASP A 238 -5.95 1.10 10.04
C ASP A 238 -7.02 0.50 9.12
N TYR A 239 -7.96 -0.22 9.72
CA TYR A 239 -9.05 -0.86 8.98
C TYR A 239 -10.40 -0.30 9.44
N ASN A 240 -11.45 -0.65 8.69
CA ASN A 240 -12.84 -0.24 8.93
C ASN A 240 -13.04 1.26 8.72
N VAL A 241 -12.23 1.89 7.88
CA VAL A 241 -12.33 3.31 7.66
C VAL A 241 -13.01 3.63 6.33
N ILE A 242 -12.65 2.94 5.23
CA ILE A 242 -13.43 3.05 4.00
C ILE A 242 -14.37 1.86 3.82
N SER A 243 -14.10 0.72 4.47
CA SER A 243 -15.01 -0.40 4.40
C SER A 243 -16.20 -0.21 5.34
N TYR A 244 -15.93 -0.01 6.63
CA TYR A 244 -16.92 0.53 7.54
C TYR A 244 -16.75 2.04 7.61
N GLY A 245 -17.62 2.70 8.36
CA GLY A 245 -17.64 4.15 8.30
C GLY A 245 -16.88 4.89 9.39
N GLU A 246 -15.75 4.36 9.84
CA GLU A 246 -14.97 4.96 10.92
C GLU A 246 -14.02 6.07 10.45
N HIS A 247 -14.37 6.77 9.36
CA HIS A 247 -13.48 7.77 8.79
C HIS A 247 -13.44 9.06 9.61
N HIS A 248 -14.54 9.41 10.28
CA HIS A 248 -14.50 10.60 11.12
C HIS A 248 -13.66 10.37 12.37
N ALA A 249 -13.85 9.21 13.00
CA ALA A 249 -12.97 8.79 14.09
C ALA A 249 -11.51 8.80 13.65
N TYR A 250 -11.22 8.21 12.50
CA TYR A 250 -9.87 8.13 11.98
C TYR A 250 -9.26 9.53 11.83
N LYS A 251 -9.96 10.41 11.09
CA LYS A 251 -9.42 11.74 10.83
C LYS A 251 -9.09 12.47 12.13
N ALA A 252 -9.99 12.38 13.12
CA ALA A 252 -9.71 12.88 14.46
C ALA A 252 -8.46 12.23 15.06
N HIS A 253 -8.31 10.92 14.87
CA HIS A 253 -7.15 10.19 15.37
C HIS A 253 -5.85 10.75 14.77
N ILE A 254 -5.81 10.92 13.44
CA ILE A 254 -4.61 11.46 12.79
C ILE A 254 -4.31 12.86 13.30
N ASN A 255 -5.34 13.72 13.36
CA ASN A 255 -5.23 15.03 13.99
C ASN A 255 -4.59 14.93 15.36
N GLU A 256 -5.17 14.11 16.24
CA GLU A 256 -4.65 13.95 17.60
C GLU A 256 -3.18 13.56 17.58
N LEU A 257 -2.78 12.71 16.62
CA LEU A 257 -1.40 12.23 16.57
C LEU A 257 -0.45 13.36 16.20
N ARG A 258 -0.81 14.15 15.19
CA ARG A 258 0.06 15.25 14.76
C ARG A 258 0.12 16.34 15.81
N GLN A 259 -1.00 16.57 16.52
CA GLN A 259 -1.04 17.66 17.48
C GLN A 259 -0.27 17.34 18.76
N LEU A 260 0.00 16.06 19.06
CA LEU A 260 0.93 15.75 20.15
C LEU A 260 2.37 15.62 19.66
N GLY A 261 2.64 15.98 18.40
CA GLY A 261 4.00 16.02 17.87
C GLY A 261 4.44 14.82 17.09
N ALA A 262 3.54 13.86 16.83
CA ALA A 262 3.91 12.67 16.08
C ALA A 262 4.03 13.03 14.59
N PRO A 263 5.20 12.85 13.99
CA PRO A 263 5.33 13.12 12.56
C PRO A 263 4.67 12.08 11.64
N VAL A 264 3.35 11.96 11.68
CA VAL A 264 2.75 11.08 10.71
C VAL A 264 2.56 11.85 9.40
N GLU A 265 3.01 11.23 8.28
CA GLU A 265 3.08 11.91 6.98
C GLU A 265 2.16 11.35 5.89
N ALA A 266 1.59 10.18 6.09
CA ALA A 266 0.80 9.50 5.09
C ALA A 266 -0.21 8.60 5.78
N ILE A 267 -1.43 8.56 5.24
CA ILE A 267 -2.56 7.81 5.77
C ILE A 267 -2.70 6.51 5.00
N GLY A 268 -2.67 5.39 5.72
CA GLY A 268 -2.98 4.11 5.13
C GLY A 268 -4.39 3.71 5.47
N VAL A 269 -5.21 3.51 4.44
CA VAL A 269 -6.50 2.87 4.59
C VAL A 269 -6.37 1.46 4.04
N GLN A 270 -6.73 0.47 4.85
CA GLN A 270 -6.38 -0.91 4.52
C GLN A 270 -7.29 -1.49 3.46
N GLY A 271 -8.55 -1.09 3.46
CA GLY A 271 -9.47 -1.48 2.41
C GLY A 271 -9.81 -2.96 2.42
N HIS A 272 -10.17 -3.49 3.59
CA HIS A 272 -10.68 -4.86 3.71
C HIS A 272 -12.19 -4.78 3.66
N PHE A 273 -12.78 -5.28 2.59
CA PHE A 273 -14.22 -5.29 2.43
C PHE A 273 -14.77 -6.70 2.66
N ALA A 274 -16.07 -6.73 2.95
CA ALA A 274 -16.83 -7.98 2.97
C ALA A 274 -17.14 -8.36 1.53
N ASP A 275 -18.41 -8.24 1.12
CA ASP A 275 -18.87 -8.75 -0.16
C ASP A 275 -19.31 -7.66 -1.13
N ARG A 276 -19.35 -6.40 -0.71
CA ARG A 276 -19.76 -5.32 -1.60
C ARG A 276 -18.83 -4.14 -1.39
N VAL A 277 -18.57 -3.43 -2.48
CA VAL A 277 -17.78 -2.21 -2.48
C VAL A 277 -18.61 -1.13 -3.16
N ASP A 278 -19.15 -0.18 -2.38
CA ASP A 278 -19.88 0.95 -2.94
C ASP A 278 -18.92 2.05 -3.35
N PRO A 279 -18.77 2.35 -4.64
CA PRO A 279 -17.80 3.37 -5.07
C PRO A 279 -18.07 4.77 -4.53
N VAL A 280 -19.33 5.13 -4.30
CA VAL A 280 -19.58 6.50 -3.86
C VAL A 280 -19.35 6.62 -2.35
N VAL A 281 -19.76 5.62 -1.57
CA VAL A 281 -19.48 5.67 -0.14
C VAL A 281 -17.98 5.69 0.10
N VAL A 282 -17.23 4.94 -0.71
CA VAL A 282 -15.78 4.97 -0.58
C VAL A 282 -15.25 6.36 -0.90
N LYS A 283 -15.74 6.94 -2.01
CA LYS A 283 -15.29 8.26 -2.44
C LYS A 283 -15.58 9.32 -1.37
N GLU A 284 -16.79 9.34 -0.84
CA GLU A 284 -17.11 10.29 0.23
C GLU A 284 -16.18 10.10 1.43
N ARG A 285 -15.97 8.84 1.83
CA ARG A 285 -15.11 8.55 2.98
C ARG A 285 -13.68 9.04 2.73
N LEU A 286 -13.14 8.75 1.54
CA LEU A 286 -11.82 9.27 1.20
C LEU A 286 -11.79 10.79 1.27
N ASP A 287 -12.87 11.47 0.88
CA ASP A 287 -12.87 12.94 0.98
C ASP A 287 -12.66 13.39 2.43
N VAL A 288 -13.29 12.71 3.39
CA VAL A 288 -13.17 13.10 4.80
C VAL A 288 -11.71 13.04 5.24
N LEU A 289 -10.99 11.99 4.86
CA LEU A 289 -9.58 11.91 5.20
C LEU A 289 -8.76 12.90 4.40
N ALA A 290 -9.18 13.20 3.16
CA ALA A 290 -8.41 14.07 2.29
C ALA A 290 -8.29 15.48 2.86
N GLU A 291 -9.15 15.86 3.80
CA GLU A 291 -9.10 17.18 4.41
C GLU A 291 -7.78 17.45 5.14
N LEU A 292 -7.03 16.41 5.51
CA LEU A 292 -5.81 16.60 6.29
C LEU A 292 -4.61 17.01 5.44
N GLY A 293 -4.76 17.04 4.11
CA GLY A 293 -3.62 17.36 3.26
C GLY A 293 -2.50 16.36 3.32
N LEU A 294 -2.78 15.14 3.71
CA LEU A 294 -1.76 14.13 3.62
C LEU A 294 -2.14 13.09 2.58
N PRO A 295 -1.17 12.44 1.94
CA PRO A 295 -1.49 11.43 0.92
C PRO A 295 -2.19 10.21 1.50
N ILE A 296 -3.15 9.68 0.73
CA ILE A 296 -3.89 8.49 1.10
C ILE A 296 -3.39 7.32 0.26
N TRP A 297 -3.27 6.16 0.89
CA TRP A 297 -2.87 4.94 0.22
C TRP A 297 -3.82 3.83 0.66
N VAL A 298 -4.34 3.08 -0.32
CA VAL A 298 -5.14 1.90 -0.03
C VAL A 298 -4.15 0.75 0.09
N THR A 299 -3.87 0.37 1.33
CA THR A 299 -2.68 -0.42 1.64
C THR A 299 -2.88 -1.94 1.50
N ALA A 300 -4.09 -2.47 1.64
CA ALA A 300 -4.25 -3.91 1.80
C ALA A 300 -5.57 -4.41 1.23
N TYR A 301 -5.92 -3.97 0.02
CA TYR A 301 -7.26 -4.23 -0.50
C TYR A 301 -7.55 -5.72 -0.66
N ASP A 302 -8.78 -6.10 -0.32
CA ASP A 302 -9.41 -7.33 -0.77
C ASP A 302 -10.91 -7.23 -0.50
N SER A 303 -11.68 -8.05 -1.20
CA SER A 303 -13.03 -8.37 -0.75
C SER A 303 -13.27 -9.84 -0.98
N VAL A 304 -14.30 -10.39 -0.35
CA VAL A 304 -14.58 -11.82 -0.48
C VAL A 304 -16.01 -12.01 -0.99
N HIS A 305 -16.15 -12.71 -2.14
CA HIS A 305 -17.43 -13.16 -2.75
C HIS A 305 -17.23 -14.38 -3.63
N PRO A 306 -17.98 -15.47 -3.38
CA PRO A 306 -17.85 -16.67 -4.22
C PRO A 306 -18.00 -16.38 -5.70
N ASP A 307 -18.90 -15.48 -6.05
CA ASP A 307 -19.08 -15.09 -7.44
C ASP A 307 -17.89 -14.23 -7.87
N ALA A 308 -17.04 -14.78 -8.73
CA ALA A 308 -15.91 -14.02 -9.25
C ALA A 308 -16.37 -12.74 -9.95
N ASN A 309 -17.59 -12.71 -10.48
CA ASN A 309 -18.09 -11.51 -11.12
C ASN A 309 -18.31 -10.39 -10.11
N ARG A 310 -18.92 -10.71 -8.95
CA ARG A 310 -19.10 -9.69 -7.94
C ARG A 310 -17.75 -9.13 -7.50
N ARG A 311 -16.76 -10.01 -7.33
CA ARG A 311 -15.40 -9.55 -6.99
C ARG A 311 -14.83 -8.61 -8.01
N ALA A 312 -14.81 -9.07 -9.24
CA ALA A 312 -14.33 -8.25 -10.34
C ALA A 312 -14.95 -6.85 -10.32
N ASP A 313 -16.24 -6.80 -9.98
CA ASP A 313 -16.91 -5.53 -9.86
C ASP A 313 -16.53 -4.82 -8.56
N ASN A 314 -16.21 -5.58 -7.52
CA ASN A 314 -15.74 -4.97 -6.29
C ASN A 314 -14.37 -4.34 -6.51
N LEU A 315 -13.50 -5.07 -7.20
CA LEU A 315 -12.17 -4.56 -7.43
C LEU A 315 -12.20 -3.31 -8.29
N GLU A 316 -13.12 -3.25 -9.26
CA GLU A 316 -13.16 -2.09 -10.13
C GLU A 316 -13.75 -0.87 -9.43
N ALA A 317 -14.76 -1.08 -8.58
CA ALA A 317 -15.32 0.02 -7.81
C ALA A 317 -14.23 0.71 -6.99
N LEU A 318 -13.47 -0.09 -6.23
CA LEU A 318 -12.43 0.50 -5.41
C LEU A 318 -11.30 1.06 -6.25
N TYR A 319 -10.75 0.26 -7.16
CA TYR A 319 -9.55 0.69 -7.85
C TYR A 319 -9.82 1.95 -8.68
N ARG A 320 -10.93 1.96 -9.45
CA ARG A 320 -11.26 3.13 -10.27
C ARG A 320 -11.50 4.36 -9.40
N VAL A 321 -12.25 4.20 -8.31
CA VAL A 321 -12.56 5.34 -7.45
C VAL A 321 -11.29 5.90 -6.82
N ALA A 322 -10.46 5.01 -6.26
CA ALA A 322 -9.22 5.43 -5.61
C ALA A 322 -8.29 6.13 -6.59
N PHE A 323 -8.02 5.48 -7.73
CA PHE A 323 -7.26 6.08 -8.84
C PHE A 323 -7.83 7.45 -9.22
N SER A 324 -9.16 7.59 -9.22
CA SER A 324 -9.78 8.89 -9.51
C SER A 324 -9.52 9.92 -8.42
N HIS A 325 -9.44 9.48 -7.16
CA HIS A 325 -9.35 10.42 -6.06
C HIS A 325 -7.96 11.05 -6.00
N PRO A 326 -7.86 12.38 -5.93
CA PRO A 326 -6.55 13.02 -6.06
C PRO A 326 -5.66 12.91 -4.81
N ALA A 327 -6.24 12.61 -3.63
CA ALA A 327 -5.44 12.42 -2.42
C ALA A 327 -4.81 11.03 -2.35
N VAL A 328 -5.40 10.04 -3.03
CA VAL A 328 -4.86 8.68 -3.11
C VAL A 328 -3.64 8.64 -4.04
N LYS A 329 -2.58 7.96 -3.60
CA LYS A 329 -1.36 7.89 -4.40
C LYS A 329 -0.95 6.48 -4.77
N GLY A 330 -1.58 5.47 -4.20
CA GLY A 330 -1.28 4.10 -4.56
C GLY A 330 -2.29 3.17 -3.94
N VAL A 331 -2.47 2.01 -4.59
CA VAL A 331 -3.37 0.97 -4.11
C VAL A 331 -2.63 -0.36 -4.12
N LEU A 332 -2.56 -1.02 -2.97
CA LEU A 332 -1.95 -2.33 -2.86
C LEU A 332 -3.01 -3.34 -2.45
N MET A 333 -3.05 -4.43 -3.20
CA MET A 333 -3.93 -5.56 -2.96
C MET A 333 -3.25 -6.51 -1.97
N TRP A 334 -3.98 -6.97 -0.94
CA TRP A 334 -3.35 -7.81 0.09
C TRP A 334 -3.40 -9.30 -0.29
N GLY A 335 -2.69 -9.62 -1.37
CA GLY A 335 -2.69 -10.99 -1.86
C GLY A 335 -3.47 -11.12 -3.16
N PHE A 336 -3.20 -12.21 -3.88
CA PHE A 336 -3.84 -12.37 -5.18
C PHE A 336 -4.17 -13.83 -5.53
N TRP A 337 -3.33 -14.77 -5.14
CA TRP A 337 -3.49 -16.16 -5.58
C TRP A 337 -4.39 -16.96 -4.65
N ALA A 338 -5.20 -17.83 -5.24
CA ALA A 338 -6.14 -18.59 -4.42
C ALA A 338 -5.41 -19.54 -3.49
N GLY A 339 -4.24 -20.05 -3.91
CA GLY A 339 -3.47 -20.96 -3.08
C GLY A 339 -2.75 -20.30 -1.91
N ALA A 340 -2.74 -18.96 -1.84
CA ALA A 340 -2.00 -18.21 -0.80
C ALA A 340 -2.59 -16.83 -0.57
N HIS A 341 -3.89 -16.76 -0.27
CA HIS A 341 -4.56 -15.52 0.11
C HIS A 341 -5.09 -15.65 1.53
N TRP A 342 -4.75 -14.70 2.39
CA TRP A 342 -5.13 -14.85 3.79
C TRP A 342 -6.65 -14.85 3.99
N ARG A 343 -7.43 -14.37 3.02
CA ARG A 343 -8.89 -14.49 3.09
C ARG A 343 -9.43 -15.69 2.28
N GLY A 344 -8.56 -16.59 1.81
CA GLY A 344 -9.04 -17.78 1.14
C GLY A 344 -9.30 -17.52 -0.33
N GLU A 345 -9.75 -18.57 -1.02
CA GLU A 345 -9.87 -18.51 -2.48
C GLU A 345 -10.94 -17.53 -2.96
N HIS A 346 -11.92 -17.20 -2.12
CA HIS A 346 -12.94 -16.23 -2.53
C HIS A 346 -12.45 -14.81 -2.43
N ALA A 347 -11.16 -14.62 -2.27
CA ALA A 347 -10.57 -13.30 -2.34
C ALA A 347 -9.58 -13.19 -3.49
N ALA A 348 -9.33 -14.27 -4.21
CA ALA A 348 -8.30 -14.31 -5.23
C ALA A 348 -8.73 -13.64 -6.52
N ILE A 349 -7.73 -13.13 -7.27
CA ILE A 349 -7.95 -12.75 -8.66
C ILE A 349 -7.45 -13.80 -9.64
N VAL A 350 -6.57 -14.71 -9.21
CA VAL A 350 -6.11 -15.81 -10.07
C VAL A 350 -6.31 -17.12 -9.32
N ASN A 351 -6.70 -18.15 -10.05
CA ASN A 351 -7.15 -19.42 -9.48
C ASN A 351 -5.99 -20.28 -8.99
N HIS A 352 -6.32 -21.26 -8.14
CA HIS A 352 -5.36 -22.28 -7.73
C HIS A 352 -4.47 -22.74 -8.89
N ASP A 353 -5.07 -23.04 -10.05
CA ASP A 353 -4.30 -23.55 -11.17
C ASP A 353 -3.62 -22.47 -12.02
N TRP A 354 -3.57 -21.22 -11.53
CA TRP A 354 -2.93 -20.05 -12.17
C TRP A 354 -3.64 -19.56 -13.42
N SER A 355 -4.90 -19.94 -13.60
CA SER A 355 -5.75 -19.31 -14.60
C SER A 355 -6.48 -18.12 -13.96
N LEU A 356 -6.48 -16.98 -14.64
CA LEU A 356 -7.22 -15.84 -14.14
C LEU A 356 -8.68 -16.22 -13.94
N ASN A 357 -9.28 -15.74 -12.86
CA ASN A 357 -10.72 -15.67 -12.79
C ASN A 357 -11.14 -14.26 -13.19
N GLU A 358 -12.43 -13.95 -13.01
CA GLU A 358 -12.96 -12.72 -13.59
C GLU A 358 -12.37 -11.48 -12.92
N ALA A 359 -12.10 -11.55 -11.61
CA ALA A 359 -11.46 -10.42 -10.94
C ALA A 359 -10.03 -10.21 -11.47
N GLY A 360 -9.34 -11.30 -11.78
CA GLY A 360 -8.00 -11.18 -12.33
C GLY A 360 -8.00 -10.51 -13.70
N ARG A 361 -8.90 -10.93 -14.57
CA ARG A 361 -8.93 -10.31 -15.91
C ARG A 361 -9.42 -8.88 -15.84
N ARG A 362 -10.39 -8.60 -14.97
CA ARG A 362 -10.77 -7.20 -14.75
C ARG A 362 -9.57 -6.36 -14.32
N TYR A 363 -8.83 -6.82 -13.31
CA TYR A 363 -7.62 -6.14 -12.88
C TYR A 363 -6.69 -5.90 -14.07
N GLU A 364 -6.42 -6.95 -14.85
CA GLU A 364 -5.54 -6.80 -16.00
C GLU A 364 -6.11 -5.80 -17.00
N LYS A 365 -7.43 -5.87 -17.27
CA LYS A 365 -8.04 -4.93 -18.21
C LYS A 365 -7.96 -3.50 -17.69
N LEU A 366 -8.25 -3.30 -16.39
CA LEU A 366 -8.07 -2.00 -15.74
C LEU A 366 -6.67 -1.44 -15.99
N LEU A 367 -5.62 -2.25 -15.83
CA LEU A 367 -4.28 -1.73 -15.97
C LEU A 367 -3.95 -1.39 -17.40
N GLN A 368 -4.48 -2.16 -18.35
CA GLN A 368 -4.26 -1.77 -19.75
C GLN A 368 -5.00 -0.49 -20.08
N GLU A 369 -6.24 -0.36 -19.63
CA GLU A 369 -6.94 0.91 -19.83
C GLU A 369 -6.10 2.09 -19.40
N TRP A 370 -5.42 1.95 -18.26
CA TRP A 370 -4.66 3.03 -17.64
C TRP A 370 -3.20 3.01 -18.04
N THR A 371 -2.89 2.64 -19.28
CA THR A 371 -1.52 2.66 -19.78
C THR A 371 -1.51 3.43 -21.09
N THR A 372 -0.56 4.36 -21.22
CA THR A 372 -0.44 5.17 -22.42
C THR A 372 0.52 4.49 -23.38
N GLN A 373 -0.03 3.71 -24.30
CA GLN A 373 0.66 3.32 -25.52
C GLN A 373 0.03 4.10 -26.66
N ARG A 374 0.85 4.84 -27.40
CA ARG A 374 0.35 5.61 -28.54
C ARG A 374 1.46 5.80 -29.56
N VAL A 375 1.07 5.73 -30.83
CA VAL A 375 1.90 6.18 -31.94
C VAL A 375 1.12 7.28 -32.64
N GLU A 376 1.80 8.37 -32.96
CA GLU A 376 1.11 9.51 -33.55
C GLU A 376 2.06 10.31 -34.41
N VAL A 384 1.97 16.21 -32.13
CA VAL A 384 2.83 15.64 -31.08
C VAL A 384 2.31 16.07 -29.67
N THR A 385 1.00 15.88 -29.47
CA THR A 385 0.31 16.31 -28.25
C THR A 385 -0.37 15.08 -27.64
N CYS A 386 0.01 14.74 -26.40
CA CYS A 386 -0.46 13.50 -25.76
C CYS A 386 -0.82 13.67 -24.29
N PRO A 387 -2.02 13.26 -23.85
CA PRO A 387 -2.27 13.04 -22.42
C PRO A 387 -1.76 11.67 -22.02
N ALA A 388 -0.61 11.64 -21.37
CA ALA A 388 0.02 10.41 -20.92
C ALA A 388 -0.05 10.34 -19.41
N PHE A 389 -0.17 9.12 -18.87
CA PHE A 389 -0.19 8.91 -17.43
C PHE A 389 1.20 9.15 -16.83
N HIS A 390 1.24 9.61 -15.56
CA HIS A 390 2.51 9.82 -14.87
C HIS A 390 3.31 8.53 -14.82
N GLY A 391 4.58 8.62 -15.17
CA GLY A 391 5.43 7.44 -15.18
C GLY A 391 6.64 7.66 -16.08
N THR A 392 7.27 6.56 -16.44
CA THR A 392 8.39 6.58 -17.38
C THR A 392 7.90 6.10 -18.75
N TYR A 393 8.35 6.80 -19.79
CA TYR A 393 7.97 6.50 -21.16
C TYR A 393 9.18 6.15 -22.02
N GLU A 394 8.96 5.27 -22.97
CA GLU A 394 9.90 5.06 -24.06
C GLU A 394 9.31 5.67 -25.32
N VAL A 395 10.11 6.48 -25.99
CA VAL A 395 9.69 7.24 -27.16
C VAL A 395 10.55 6.81 -28.33
N ARG A 396 9.92 6.36 -29.40
CA ARG A 396 10.66 5.94 -30.58
C ARG A 396 9.93 6.36 -31.84
N LYS A 402 14.55 7.25 -26.99
CA LYS A 402 15.15 7.57 -25.68
C LYS A 402 14.19 7.39 -24.49
N MET A 403 14.68 6.84 -23.38
CA MET A 403 13.86 6.68 -22.18
C MET A 403 13.71 8.02 -21.46
N LEU A 404 12.54 8.23 -20.84
CA LEU A 404 12.19 9.57 -20.39
C LEU A 404 11.10 9.53 -19.31
N GLN A 405 11.28 10.35 -18.28
CA GLN A 405 10.38 10.37 -17.14
C GLN A 405 9.37 11.49 -17.28
N GLN A 406 8.24 11.37 -16.58
CA GLN A 406 7.34 12.51 -16.43
C GLN A 406 6.54 12.34 -15.12
N GLN A 407 7.01 13.04 -14.09
CA GLN A 407 6.56 12.90 -12.71
C GLN A 407 5.35 13.81 -12.43
N THR A 408 4.79 13.66 -11.23
CA THR A 408 3.63 14.44 -10.79
C THR A 408 3.98 15.89 -10.46
N ILE A 409 5.26 16.27 -10.52
CA ILE A 409 5.74 17.52 -9.90
C ILE A 409 4.90 18.71 -10.35
N GLU A 410 4.92 19.02 -11.64
CA GLU A 410 4.21 20.15 -12.19
C GLU A 410 2.98 19.67 -12.97
N LEU A 411 1.95 20.56 -13.06
CA LEU A 411 0.80 20.36 -13.95
C LEU A 411 1.17 20.61 -15.46
N ASP A 412 2.47 20.68 -15.77
CA ASP A 412 3.04 21.07 -17.07
C ASP A 412 2.66 22.50 -17.37
#